data_4MTB
#
_entry.id   4MTB
#
_cell.length_a   54.959
_cell.length_b   54.959
_cell.length_c   108.059
_cell.angle_alpha   90.00
_cell.angle_beta   90.00
_cell.angle_gamma   120.00
#
_symmetry.space_group_name_H-M   'P 31 2 1'
#
loop_
_entity.id
_entity.type
_entity.pdbx_description
1 polymer 'Cationic trypsin'
2 non-polymer 'CALCIUM ION'
3 non-polymer (2R)-2-amino-N-{(2S)-1-[(4-carbamimidoylbenzyl)amino]-1-oxopropan-2-yl}-4-(4-hydroxyphenyl)butanamide
4 non-polymer IMIDAZOLE
5 water water
#
_entity_poly.entity_id   1
_entity_poly.type   'polypeptide(L)'
_entity_poly.pdbx_seq_one_letter_code
;IVGGYTCGANTVPYQVSLNSGYHFCGGSLINSQWVVSAAHCYKSGIQVRLGEDNINVVEGNEQFISASKSIVHPSYNSNT
LNNDIMLIKLKSAASLNSRVASISLPTSCASAGTQCLISGWGNTKSSGTSYPDVLKCLKAPILSDSSCKSAYPGQITSNM
FCAGYLEGGKDSCQGDSGGPVVCSGKLQGIVSWGSGCAQKNKPGVYTKVCNYVSWIKQTIASN
;
_entity_poly.pdbx_strand_id   A
#
loop_
_chem_comp.id
_chem_comp.type
_chem_comp.name
_chem_comp.formula
BZY non-polymer (2R)-2-amino-N-{(2S)-1-[(4-carbamimidoylbenzyl)amino]-1-oxopropan-2-yl}-4-(4-hydroxyphenyl)butanamide 'C21 H27 N5 O3'
CA non-polymer 'CALCIUM ION' 'Ca 2'
IMD non-polymer IMIDAZOLE 'C3 H5 N2 1'
#
# COMPACT_ATOMS: atom_id res chain seq x y z
N ILE A 1 -2.35 9.70 5.18
CA ILE A 1 -3.72 9.34 5.55
C ILE A 1 -4.40 10.57 6.11
N VAL A 2 -5.51 10.97 5.49
CA VAL A 2 -6.31 12.11 5.93
C VAL A 2 -7.55 11.58 6.69
N GLY A 3 -7.80 12.12 7.88
CA GLY A 3 -8.99 11.73 8.63
C GLY A 3 -8.92 10.39 9.30
N GLY A 4 -7.71 9.87 9.49
CA GLY A 4 -7.48 8.61 10.15
C GLY A 4 -7.08 8.80 11.60
N TYR A 5 -6.42 7.79 12.15
CA TYR A 5 -6.03 7.77 13.56
C TYR A 5 -4.64 7.15 13.68
N THR A 6 -3.94 7.46 14.76
CA THR A 6 -2.64 6.87 15.04
C THR A 6 -2.82 5.39 15.29
N CYS A 7 -2.16 4.56 14.50
CA CYS A 7 -2.38 3.12 14.57
C CYS A 7 -2.02 2.54 15.93
N GLY A 8 -0.90 3.01 16.46
CA GLY A 8 -0.24 2.39 17.60
C GLY A 8 0.98 1.62 17.13
N ALA A 9 2.06 1.70 17.89
CA ALA A 9 3.33 1.12 17.42
C ALA A 9 3.24 -0.39 17.09
N ASN A 10 3.60 -0.73 15.86
CA ASN A 10 3.71 -2.14 15.42
C ASN A 10 2.40 -2.90 15.39
N THR A 11 1.28 -2.19 15.39
CA THR A 11 -0.03 -2.81 15.29
C THR A 11 -0.39 -3.20 13.85
N VAL A 12 0.42 -2.76 12.89
CA VAL A 12 0.26 -3.11 11.47
C VAL A 12 1.59 -3.73 11.02
N PRO A 13 1.89 -4.97 11.46
CA PRO A 13 3.29 -5.43 11.39
C PRO A 13 3.76 -5.81 10.00
N TYR A 14 2.83 -5.84 9.04
CA TYR A 14 3.17 -6.08 7.64
C TYR A 14 3.49 -4.76 6.91
N GLN A 15 3.27 -3.61 7.55
CA GLN A 15 3.54 -2.33 6.90
C GLN A 15 5.03 -2.05 6.85
N VAL A 16 5.56 -1.81 5.66
N VAL A 16 5.52 -1.74 5.66
CA VAL A 16 6.95 -1.37 5.56
CA VAL A 16 6.93 -1.38 5.47
C VAL A 16 7.01 0.08 5.06
C VAL A 16 7.07 0.04 4.93
N SER A 17 8.15 0.69 5.32
CA SER A 17 8.51 2.01 4.77
C SER A 17 9.65 1.77 3.78
N LEU A 18 9.52 2.31 2.57
CA LEU A 18 10.59 2.28 1.58
C LEU A 18 11.38 3.56 1.74
N ASN A 19 12.70 3.44 1.91
CA ASN A 19 13.53 4.58 2.25
C ASN A 19 14.66 4.70 1.26
N SER A 20 14.84 5.89 0.69
CA SER A 20 15.98 6.18 -0.17
C SER A 20 16.69 7.43 0.34
N GLY A 21 16.93 7.49 1.65
CA GLY A 21 17.41 8.67 2.33
C GLY A 21 16.34 9.29 3.20
N TYR A 22 15.10 8.86 2.96
CA TYR A 22 13.88 9.44 3.50
C TYR A 22 12.79 8.45 3.11
N HIS A 23 11.70 8.43 3.87
CA HIS A 23 10.52 7.66 3.49
C HIS A 23 9.93 8.21 2.20
N PHE A 24 9.65 7.34 1.24
CA PHE A 24 8.98 7.81 0.02
C PHE A 24 7.76 6.97 -0.38
N CYS A 25 7.58 5.79 0.19
CA CYS A 25 6.45 4.93 -0.20
C CYS A 25 6.25 3.92 0.88
N GLY A 26 5.05 3.39 0.98
CA GLY A 26 4.78 2.20 1.77
C GLY A 26 4.95 0.94 0.96
N GLY A 27 4.76 -0.17 1.63
CA GLY A 27 4.75 -1.50 1.01
C GLY A 27 4.23 -2.48 2.03
N SER A 28 4.06 -3.72 1.60
CA SER A 28 3.51 -4.78 2.46
C SER A 28 4.43 -6.00 2.39
N LEU A 29 4.79 -6.53 3.56
CA LEU A 29 5.61 -7.72 3.62
C LEU A 29 4.73 -8.93 3.32
N ILE A 30 5.13 -9.71 2.32
CA ILE A 30 4.31 -10.88 1.98
C ILE A 30 4.98 -12.21 2.32
N ASN A 31 6.31 -12.21 2.49
CA ASN A 31 7.02 -13.33 3.16
C ASN A 31 8.34 -12.75 3.65
N SER A 32 9.23 -13.56 4.21
CA SER A 32 10.42 -13.01 4.83
C SER A 32 11.35 -12.35 3.82
N GLN A 33 11.17 -12.63 2.52
CA GLN A 33 12.07 -12.14 1.48
C GLN A 33 11.48 -11.15 0.51
N TRP A 34 10.18 -10.88 0.60
CA TRP A 34 9.51 -10.15 -0.48
C TRP A 34 8.50 -9.15 0.06
N VAL A 35 8.50 -7.97 -0.57
CA VAL A 35 7.57 -6.90 -0.33
C VAL A 35 6.82 -6.58 -1.61
N VAL A 36 5.55 -6.26 -1.48
N VAL A 36 5.52 -6.31 -1.45
CA VAL A 36 4.83 -5.77 -2.65
CA VAL A 36 4.63 -5.79 -2.52
C VAL A 36 4.45 -4.32 -2.41
C VAL A 36 4.49 -4.28 -2.35
N SER A 37 4.62 -3.52 -3.44
CA SER A 37 4.36 -2.09 -3.39
C SER A 37 3.76 -1.66 -4.73
N ALA A 38 3.71 -0.34 -4.99
CA ALA A 38 3.16 0.17 -6.26
C ALA A 38 4.30 0.32 -7.25
N ALA A 39 4.04 0.03 -8.52
CA ALA A 39 5.00 0.32 -9.58
C ALA A 39 5.36 1.80 -9.64
N HIS A 40 4.42 2.68 -9.29
CA HIS A 40 4.80 4.10 -9.35
C HIS A 40 5.80 4.49 -8.26
N CYS A 41 6.09 3.57 -7.34
CA CYS A 41 7.15 3.74 -6.33
C CYS A 41 8.53 3.30 -6.81
N TYR A 42 8.62 2.82 -8.05
CA TYR A 42 9.89 2.29 -8.54
C TYR A 42 10.98 3.36 -8.52
N LYS A 43 12.15 2.99 -8.00
CA LYS A 43 13.38 3.77 -8.14
C LYS A 43 14.50 2.85 -7.71
N SER A 44 15.74 3.31 -7.88
CA SER A 44 16.90 2.63 -7.33
C SER A 44 17.20 3.12 -5.93
N GLY A 45 18.07 2.40 -5.23
CA GLY A 45 18.52 2.86 -3.93
C GLY A 45 17.51 2.60 -2.83
N ILE A 46 16.71 1.55 -2.97
CA ILE A 46 15.68 1.28 -1.97
C ILE A 46 16.21 0.48 -0.78
N GLN A 47 15.98 0.99 0.43
CA GLN A 47 16.15 0.23 1.66
C GLN A 47 14.77 -0.01 2.26
N VAL A 48 14.46 -1.26 2.54
CA VAL A 48 13.19 -1.60 3.16
C VAL A 48 13.32 -1.48 4.66
N ARG A 49 12.39 -0.76 5.28
CA ARG A 49 12.43 -0.56 6.72
C ARG A 49 11.19 -1.22 7.33
N LEU A 50 11.46 -2.29 8.09
N LEU A 50 11.44 -2.30 8.08
CA LEU A 50 10.45 -3.12 8.73
CA LEU A 50 10.41 -3.08 8.73
C LEU A 50 10.39 -2.83 10.21
C LEU A 50 10.37 -2.76 10.20
N GLY A 51 9.25 -3.08 10.86
CA GLY A 51 9.14 -2.85 12.30
C GLY A 51 9.09 -1.40 12.71
N GLU A 52 8.76 -0.51 11.78
CA GLU A 52 8.73 0.92 12.06
C GLU A 52 7.43 1.39 12.69
N ASP A 53 7.55 2.30 13.67
CA ASP A 53 6.44 3.19 13.99
C ASP A 53 6.86 4.62 13.68
N ASN A 54 7.61 5.26 14.58
CA ASN A 54 8.18 6.57 14.28
C ASN A 54 9.37 6.39 13.31
N ILE A 55 9.21 6.87 12.09
CA ILE A 55 10.24 6.72 11.07
C ILE A 55 11.44 7.65 11.25
N ASN A 56 11.36 8.56 12.23
CA ASN A 56 12.46 9.46 12.56
C ASN A 56 13.19 9.13 13.85
N VAL A 57 12.81 8.06 14.52
CA VAL A 57 13.39 7.71 15.81
C VAL A 57 13.62 6.21 15.82
N VAL A 58 14.82 5.79 16.23
CA VAL A 58 15.10 4.36 16.41
C VAL A 58 14.47 3.93 17.72
N GLU A 59 13.45 3.08 17.64
CA GLU A 59 12.69 2.68 18.81
C GLU A 59 12.99 1.29 19.32
N GLY A 60 13.70 0.51 18.51
CA GLY A 60 14.22 -0.77 18.95
C GLY A 60 13.67 -2.00 18.26
N ASN A 61 12.69 -1.85 17.38
CA ASN A 61 12.13 -3.03 16.71
C ASN A 61 12.32 -3.05 15.20
N GLU A 62 13.12 -2.11 14.70
CA GLU A 62 13.34 -1.99 13.26
C GLU A 62 14.25 -3.06 12.68
N GLN A 63 14.00 -3.41 11.42
CA GLN A 63 14.98 -4.10 10.60
C GLN A 63 15.13 -3.32 9.32
N PHE A 64 16.36 -2.99 8.95
CA PHE A 64 16.64 -2.26 7.73
C PHE A 64 17.36 -3.22 6.79
N ILE A 65 16.79 -3.45 5.61
CA ILE A 65 17.35 -4.42 4.68
C ILE A 65 17.29 -3.86 3.28
N SER A 66 18.40 -3.88 2.54
CA SER A 66 18.42 -3.34 1.19
C SER A 66 17.65 -4.24 0.23
N ALA A 67 17.05 -3.63 -0.78
CA ALA A 67 16.49 -4.40 -1.88
C ALA A 67 17.61 -5.01 -2.74
N SER A 68 17.46 -6.27 -3.15
CA SER A 68 18.38 -6.87 -4.10
C SER A 68 17.83 -6.87 -5.52
N LYS A 69 16.51 -6.83 -5.66
CA LYS A 69 15.89 -6.84 -6.99
C LYS A 69 14.54 -6.16 -6.86
N SER A 70 14.16 -5.39 -7.87
CA SER A 70 12.82 -4.88 -8.00
C SER A 70 12.24 -5.36 -9.32
N ILE A 71 10.98 -5.77 -9.32
CA ILE A 71 10.27 -6.23 -10.51
C ILE A 71 8.96 -5.47 -10.64
N VAL A 72 8.94 -4.52 -11.54
CA VAL A 72 7.71 -3.81 -11.90
C VAL A 72 6.85 -4.76 -12.75
N HIS A 73 5.54 -4.73 -12.55
CA HIS A 73 4.66 -5.58 -13.34
C HIS A 73 4.96 -5.43 -14.83
N PRO A 74 4.97 -6.54 -15.57
CA PRO A 74 5.32 -6.46 -17.01
C PRO A 74 4.42 -5.54 -17.80
N SER A 75 3.17 -5.37 -17.36
CA SER A 75 2.20 -4.55 -18.10
C SER A 75 1.96 -3.18 -17.47
N TYR A 76 2.78 -2.76 -16.52
CA TYR A 76 2.58 -1.43 -15.91
C TYR A 76 2.61 -0.34 -16.96
N ASN A 77 1.59 0.52 -16.92
CA ASN A 77 1.51 1.68 -17.80
C ASN A 77 1.53 2.93 -16.93
N SER A 78 2.62 3.68 -16.99
CA SER A 78 2.77 4.84 -16.14
C SER A 78 1.85 6.00 -16.56
N ASN A 79 1.33 5.98 -17.77
CA ASN A 79 0.39 7.02 -18.21
C ASN A 79 -0.99 6.87 -17.60
N THR A 80 -1.41 5.63 -17.35
CA THR A 80 -2.75 5.36 -16.84
C THR A 80 -2.78 4.72 -15.46
N LEU A 81 -1.59 4.40 -14.94
CA LEU A 81 -1.41 3.63 -13.70
C LEU A 81 -2.06 2.24 -13.74
N ASN A 82 -2.34 1.74 -14.94
CA ASN A 82 -2.85 0.38 -15.04
C ASN A 82 -1.74 -0.61 -14.65
N ASN A 83 -2.10 -1.61 -13.85
CA ASN A 83 -1.13 -2.63 -13.35
C ASN A 83 -0.08 -2.00 -12.42
N ASP A 84 -0.54 -1.18 -11.46
CA ASP A 84 0.37 -0.44 -10.59
C ASP A 84 0.81 -1.32 -9.40
N ILE A 85 1.71 -2.25 -9.70
CA ILE A 85 2.19 -3.20 -8.70
C ILE A 85 3.65 -3.53 -9.02
N MET A 86 4.42 -3.73 -7.96
CA MET A 86 5.86 -4.03 -8.05
C MET A 86 6.23 -4.92 -6.88
N LEU A 87 7.12 -5.87 -7.15
CA LEU A 87 7.69 -6.74 -6.12
C LEU A 87 9.10 -6.34 -5.84
N ILE A 88 9.49 -6.39 -4.56
CA ILE A 88 10.85 -6.08 -4.15
C ILE A 88 11.38 -7.27 -3.34
N LYS A 89 12.51 -7.84 -3.76
CA LYS A 89 13.15 -8.89 -3.00
C LYS A 89 14.20 -8.27 -2.10
N LEU A 90 14.24 -8.76 -0.87
CA LEU A 90 15.20 -8.28 0.13
C LEU A 90 16.53 -9.01 -0.01
N LYS A 91 17.63 -8.29 0.25
CA LYS A 91 18.97 -8.85 0.17
C LYS A 91 19.18 -10.00 1.15
N SER A 92 18.53 -9.96 2.31
CA SER A 92 18.54 -11.04 3.29
C SER A 92 17.13 -11.16 3.83
N ALA A 93 16.80 -12.31 4.36
CA ALA A 93 15.47 -12.55 4.89
C ALA A 93 15.24 -11.77 6.17
N ALA A 94 14.09 -11.12 6.28
CA ALA A 94 13.69 -10.50 7.52
C ALA A 94 13.49 -11.57 8.59
N SER A 95 13.77 -11.21 9.84
CA SER A 95 13.44 -12.10 10.94
CA SER A 95 13.46 -12.07 10.95
C SER A 95 12.00 -11.83 11.33
N LEU A 96 11.16 -12.82 11.13
CA LEU A 96 9.74 -12.64 11.38
C LEU A 96 9.43 -12.80 12.86
N ASN A 97 8.70 -11.83 13.42
CA ASN A 97 8.32 -11.80 14.83
C ASN A 97 7.01 -11.02 14.97
N SER A 98 6.55 -10.75 16.18
CA SER A 98 5.24 -10.10 16.33
C SER A 98 5.16 -8.70 15.70
N ARG A 99 6.28 -8.01 15.57
CA ARG A 99 6.31 -6.66 15.05
C ARG A 99 6.68 -6.59 13.56
N VAL A 100 7.11 -7.72 13.01
CA VAL A 100 7.52 -7.82 11.61
C VAL A 100 6.90 -9.11 11.10
N ALA A 101 5.82 -8.99 10.33
CA ALA A 101 4.99 -10.15 10.01
C ALA A 101 4.43 -9.99 8.63
N SER A 102 4.30 -11.09 7.91
CA SER A 102 3.70 -11.05 6.58
C SER A 102 2.18 -10.94 6.62
N ILE A 103 1.62 -10.48 5.51
CA ILE A 103 0.18 -10.49 5.31
C ILE A 103 -0.19 -11.40 4.13
N SER A 104 -1.26 -12.17 4.30
CA SER A 104 -1.74 -13.09 3.29
CA SER A 104 -1.73 -13.10 3.30
C SER A 104 -2.25 -12.39 2.04
N LEU A 105 -1.99 -13.01 0.89
CA LEU A 105 -2.57 -12.56 -0.36
C LEU A 105 -4.04 -13.01 -0.48
N PRO A 106 -4.84 -12.32 -1.30
CA PRO A 106 -6.22 -12.77 -1.56
C PRO A 106 -6.29 -14.19 -2.10
N THR A 107 -7.37 -14.89 -1.76
CA THR A 107 -7.73 -16.13 -2.45
C THR A 107 -8.80 -15.87 -3.51
N SER A 108 -9.48 -14.73 -3.39
CA SER A 108 -10.49 -14.27 -4.36
C SER A 108 -10.58 -12.78 -4.15
N CYS A 109 -11.34 -12.09 -4.99
CA CYS A 109 -11.50 -10.67 -4.85
C CYS A 109 -12.47 -10.35 -3.69
N ALA A 110 -12.54 -9.08 -3.34
CA ALA A 110 -13.46 -8.60 -2.31
C ALA A 110 -14.58 -7.77 -2.94
N SER A 111 -15.72 -7.75 -2.28
CA SER A 111 -16.91 -7.04 -2.77
C SER A 111 -17.10 -5.64 -2.21
N ALA A 112 -17.88 -4.84 -2.92
CA ALA A 112 -18.29 -3.53 -2.43
C ALA A 112 -18.91 -3.71 -1.04
N GLY A 113 -18.57 -2.80 -0.14
CA GLY A 113 -19.10 -2.82 1.20
C GLY A 113 -18.19 -3.50 2.20
N THR A 114 -17.22 -4.28 1.72
CA THR A 114 -16.27 -4.91 2.62
C THR A 114 -15.41 -3.81 3.21
N GLN A 115 -15.14 -3.94 4.50
CA GLN A 115 -14.36 -2.95 5.24
C GLN A 115 -12.88 -3.30 5.20
N CYS A 116 -12.03 -2.28 5.07
CA CYS A 116 -10.58 -2.49 4.97
C CYS A 116 -9.85 -1.52 5.87
N LEU A 117 -8.58 -1.85 6.13
CA LEU A 117 -7.66 -1.01 6.88
C LEU A 117 -6.56 -0.54 5.93
N ILE A 118 -6.44 0.78 5.82
CA ILE A 118 -5.45 1.43 4.97
C ILE A 118 -4.48 2.16 5.89
N SER A 119 -3.18 2.13 5.60
CA SER A 119 -2.24 2.68 6.54
C SER A 119 -1.06 3.31 5.81
N GLY A 120 -0.39 4.27 6.47
CA GLY A 120 0.80 4.89 5.90
C GLY A 120 1.26 6.12 6.64
N TRP A 121 2.38 6.63 6.16
CA TRP A 121 3.04 7.83 6.68
C TRP A 121 2.86 9.03 5.76
N GLY A 122 1.82 8.99 4.92
CA GLY A 122 1.58 10.07 3.97
C GLY A 122 0.91 11.28 4.57
N ASN A 123 0.65 12.24 3.70
CA ASN A 123 0.09 13.53 4.09
C ASN A 123 -1.22 13.33 4.84
N THR A 124 -1.42 14.10 5.91
CA THR A 124 -2.65 14.05 6.71
C THR A 124 -3.61 15.21 6.43
N LYS A 125 -3.25 16.09 5.50
CA LYS A 125 -4.12 17.25 5.19
C LYS A 125 -4.74 17.14 3.80
N SER A 126 -6.01 17.53 3.68
CA SER A 126 -6.71 17.53 2.39
C SER A 126 -6.38 18.79 1.60
N SER A 127 -5.96 19.83 2.31
CA SER A 127 -5.45 21.01 1.64
C SER A 127 -4.17 21.43 2.36
N GLY A 128 -3.10 21.63 1.61
CA GLY A 128 -1.82 21.88 2.22
C GLY A 128 -1.17 20.56 2.63
N THR A 129 -0.16 20.65 3.50
CA THR A 129 0.65 19.47 3.83
C THR A 129 1.04 19.40 5.29
N SER A 130 1.01 18.18 5.81
CA SER A 130 1.55 17.86 7.12
C SER A 130 1.85 16.38 7.14
N TYR A 131 3.11 16.04 7.35
CA TYR A 131 3.53 14.64 7.31
C TYR A 131 3.79 14.13 8.69
N PRO A 132 3.15 13.03 9.06
CA PRO A 132 3.30 12.49 10.40
C PRO A 132 4.53 11.61 10.45
N ASP A 133 5.01 11.36 11.64
CA ASP A 133 6.17 10.49 11.77
C ASP A 133 5.81 9.11 12.26
N VAL A 134 4.62 8.98 12.86
CA VAL A 134 4.11 7.68 13.30
C VAL A 134 3.05 7.18 12.34
N LEU A 135 2.84 5.87 12.31
CA LEU A 135 1.96 5.29 11.30
C LEU A 135 0.50 5.67 11.56
N LYS A 136 -0.19 6.08 10.49
CA LYS A 136 -1.62 6.41 10.55
C LYS A 136 -2.46 5.33 9.88
N CYS A 137 -3.70 5.21 10.35
CA CYS A 137 -4.61 4.15 9.95
C CYS A 137 -5.97 4.73 9.58
N LEU A 138 -6.66 4.05 8.68
CA LEU A 138 -7.99 4.47 8.27
C LEU A 138 -8.82 3.24 7.95
N LYS A 139 -10.02 3.14 8.52
CA LYS A 139 -10.97 2.09 8.13
C LYS A 139 -11.83 2.64 7.01
N ALA A 140 -11.97 1.90 5.91
CA ALA A 140 -12.69 2.40 4.76
C ALA A 140 -13.31 1.24 3.98
N PRO A 141 -14.54 1.45 3.47
CA PRO A 141 -15.15 0.36 2.70
C PRO A 141 -14.77 0.43 1.23
N ILE A 142 -14.78 -0.73 0.60
CA ILE A 142 -14.69 -0.82 -0.84
C ILE A 142 -15.99 -0.24 -1.44
N LEU A 143 -15.84 0.60 -2.47
CA LEU A 143 -16.98 1.22 -3.15
C LEU A 143 -17.35 0.42 -4.39
N SER A 144 -18.60 0.50 -4.82
CA SER A 144 -19.00 -0.17 -6.04
C SER A 144 -18.18 0.29 -7.25
N ASP A 145 -17.94 -0.64 -8.17
N ASP A 145 -17.94 -0.62 -8.17
CA ASP A 145 -17.20 -0.32 -9.39
CA ASP A 145 -17.20 -0.28 -9.38
C ASP A 145 -17.90 0.80 -10.16
C ASP A 145 -17.91 0.81 -10.17
N SER A 146 -19.23 0.76 -10.19
CA SER A 146 -19.99 1.79 -10.90
C SER A 146 -19.79 3.18 -10.27
N SER A 147 -19.80 3.27 -8.93
CA SER A 147 -19.55 4.59 -8.35
C SER A 147 -18.10 5.01 -8.58
N CYS A 148 -17.19 4.03 -8.60
CA CYS A 148 -15.80 4.34 -8.90
C CYS A 148 -15.64 4.92 -10.30
N LYS A 149 -16.22 4.24 -11.29
CA LYS A 149 -16.12 4.71 -12.68
C LYS A 149 -16.85 6.04 -12.88
N SER A 150 -17.96 6.25 -12.16
CA SER A 150 -18.67 7.54 -12.26
C SER A 150 -17.84 8.66 -11.67
N ALA A 151 -17.09 8.37 -10.61
CA ALA A 151 -16.24 9.40 -9.98
C ALA A 151 -15.06 9.77 -10.89
N TYR A 152 -14.55 8.76 -11.59
CA TYR A 152 -13.35 8.93 -12.41
C TYR A 152 -13.61 8.43 -13.84
N PRO A 153 -14.47 9.14 -14.59
CA PRO A 153 -14.77 8.62 -15.93
C PRO A 153 -13.53 8.57 -16.83
N GLY A 154 -13.43 7.48 -17.59
CA GLY A 154 -12.34 7.30 -18.52
C GLY A 154 -11.03 6.84 -17.90
N GLN A 155 -11.00 6.54 -16.59
CA GLN A 155 -9.72 6.23 -15.91
C GLN A 155 -9.66 4.96 -15.08
N ILE A 156 -10.78 4.32 -14.80
CA ILE A 156 -10.79 3.14 -13.95
C ILE A 156 -10.73 1.90 -14.83
N THR A 157 -9.80 1.00 -14.55
CA THR A 157 -9.69 -0.23 -15.29
C THR A 157 -10.09 -1.41 -14.39
N SER A 158 -10.13 -2.59 -14.99
CA SER A 158 -10.46 -3.81 -14.25
C SER A 158 -9.43 -4.14 -13.15
N ASN A 159 -8.28 -3.47 -13.17
CA ASN A 159 -7.21 -3.71 -12.19
C ASN A 159 -7.21 -2.69 -11.07
N MET A 160 -8.31 -1.98 -10.90
CA MET A 160 -8.42 -0.90 -9.91
C MET A 160 -9.73 -1.05 -9.19
N PHE A 161 -9.76 -0.59 -7.94
CA PHE A 161 -11.02 -0.38 -7.24
C PHE A 161 -10.94 0.89 -6.42
N CYS A 162 -12.09 1.48 -6.10
CA CYS A 162 -12.14 2.61 -5.21
C CYS A 162 -12.53 2.18 -3.81
N ALA A 163 -12.01 2.89 -2.82
CA ALA A 163 -12.41 2.67 -1.44
C ALA A 163 -12.39 4.02 -0.74
N GLY A 164 -13.22 4.15 0.30
CA GLY A 164 -13.28 5.40 1.02
C GLY A 164 -14.69 5.90 1.14
N TYR A 165 -14.81 7.23 1.07
CA TYR A 165 -16.03 7.95 1.40
C TYR A 165 -16.26 9.04 0.39
N LEU A 166 -17.39 8.99 -0.33
CA LEU A 166 -17.67 9.96 -1.36
C LEU A 166 -17.88 11.35 -0.76
N GLU A 167 -18.23 11.43 0.52
CA GLU A 167 -18.44 12.73 1.13
C GLU A 167 -17.15 13.53 1.37
N GLY A 168 -16.01 12.86 1.33
CA GLY A 168 -14.76 13.54 1.60
C GLY A 168 -14.36 13.42 3.06
N GLY A 169 -13.12 13.83 3.35
CA GLY A 169 -12.63 13.91 4.71
C GLY A 169 -11.78 12.75 5.16
N LYS A 170 -11.90 11.58 4.52
CA LYS A 170 -11.20 10.36 4.95
C LYS A 170 -10.63 9.69 3.72
N ASP A 171 -9.29 9.58 3.63
CA ASP A 171 -8.69 9.06 2.40
C ASP A 171 -7.21 8.79 2.68
N SER A 172 -6.57 8.05 1.77
CA SER A 172 -5.10 8.02 1.72
C SER A 172 -4.61 9.21 0.88
N CYS A 173 -3.30 9.39 0.80
CA CYS A 173 -2.78 10.59 0.19
C CYS A 173 -1.31 10.35 -0.24
N GLN A 174 -0.70 11.35 -0.86
CA GLN A 174 0.71 11.26 -1.23
C GLN A 174 1.55 10.80 -0.04
N GLY A 175 2.47 9.89 -0.32
CA GLY A 175 3.34 9.34 0.70
C GLY A 175 2.79 8.02 1.25
N ASP A 176 1.48 7.78 1.09
CA ASP A 176 0.88 6.49 1.42
C ASP A 176 1.05 5.50 0.27
N SER A 177 1.37 6.00 -0.91
CA SER A 177 1.67 5.21 -2.12
C SER A 177 2.33 3.90 -1.84
N GLY A 178 1.80 2.83 -2.43
CA GLY A 178 2.44 1.54 -2.33
C GLY A 178 2.06 0.78 -1.09
N GLY A 179 1.40 1.43 -0.13
CA GLY A 179 1.04 0.75 1.09
C GLY A 179 -0.21 -0.07 1.01
N PRO A 180 -0.53 -0.75 2.10
CA PRO A 180 -1.58 -1.79 2.14
C PRO A 180 -3.01 -1.29 2.29
N VAL A 181 -3.91 -2.05 1.66
CA VAL A 181 -5.34 -2.04 1.94
C VAL A 181 -5.68 -3.49 2.30
N VAL A 182 -5.95 -3.74 3.59
CA VAL A 182 -6.16 -5.10 4.08
C VAL A 182 -7.60 -5.27 4.52
N CYS A 183 -8.24 -6.31 4.01
CA CYS A 183 -9.66 -6.51 4.24
C CYS A 183 -9.83 -7.97 4.63
N SER A 184 -10.41 -8.22 5.80
CA SER A 184 -10.61 -9.55 6.32
C SER A 184 -9.38 -10.42 6.18
N GLY A 185 -8.26 -9.84 6.57
CA GLY A 185 -7.01 -10.57 6.68
C GLY A 185 -6.25 -10.74 5.37
N LYS A 186 -6.72 -10.13 4.30
CA LYS A 186 -6.09 -10.30 2.98
C LYS A 186 -5.66 -8.96 2.42
N LEU A 187 -4.51 -8.94 1.76
CA LEU A 187 -4.03 -7.73 1.09
C LEU A 187 -4.79 -7.56 -0.24
N GLN A 188 -5.91 -6.83 -0.22
CA GLN A 188 -6.72 -6.63 -1.40
C GLN A 188 -6.32 -5.43 -2.24
N GLY A 189 -5.65 -4.45 -1.64
CA GLY A 189 -5.31 -3.27 -2.41
C GLY A 189 -3.93 -2.71 -2.09
N ILE A 190 -3.45 -1.87 -3.01
CA ILE A 190 -2.22 -1.11 -2.85
C ILE A 190 -2.59 0.34 -3.15
N VAL A 191 -2.13 1.27 -2.30
CA VAL A 191 -2.39 2.70 -2.50
C VAL A 191 -1.81 3.12 -3.84
N SER A 192 -2.67 3.58 -4.74
CA SER A 192 -2.27 3.87 -6.12
C SER A 192 -2.46 5.35 -6.50
N TRP A 193 -3.68 5.85 -6.62
CA TRP A 193 -3.86 7.23 -7.12
C TRP A 193 -5.19 7.81 -6.68
N GLY A 194 -5.43 9.04 -7.08
CA GLY A 194 -6.70 9.71 -6.82
C GLY A 194 -6.55 11.16 -7.20
N SER A 195 -7.67 11.88 -7.24
CA SER A 195 -7.64 13.32 -7.51
CA SER A 195 -7.65 13.32 -7.50
C SER A 195 -7.62 14.06 -6.18
N GLY A 196 -6.53 14.77 -5.89
CA GLY A 196 -6.34 15.37 -4.58
C GLY A 196 -6.32 14.29 -3.51
N CYS A 197 -6.75 14.66 -2.31
CA CYS A 197 -6.90 13.73 -1.21
C CYS A 197 -8.11 14.14 -0.41
N ALA A 198 -8.95 13.16 -0.09
CA ALA A 198 -10.10 13.37 0.81
C ALA A 198 -11.09 14.41 0.26
N GLN A 199 -11.08 14.62 -1.06
CA GLN A 199 -12.05 15.52 -1.67
C GLN A 199 -13.38 14.84 -1.96
N LYS A 200 -14.46 15.64 -1.91
CA LYS A 200 -15.76 15.15 -2.23
C LYS A 200 -15.78 14.49 -3.63
N ASN A 201 -16.38 13.31 -3.71
CA ASN A 201 -16.59 12.60 -4.96
C ASN A 201 -15.33 12.19 -5.68
N LYS A 202 -14.23 12.16 -4.95
CA LYS A 202 -12.93 11.75 -5.48
C LYS A 202 -12.30 10.76 -4.52
N PRO A 203 -12.81 9.51 -4.49
CA PRO A 203 -12.30 8.53 -3.53
C PRO A 203 -10.92 8.01 -3.93
N GLY A 204 -10.29 7.28 -3.03
CA GLY A 204 -9.01 6.68 -3.35
C GLY A 204 -9.15 5.56 -4.37
N VAL A 205 -8.16 5.45 -5.24
CA VAL A 205 -8.07 4.37 -6.21
C VAL A 205 -6.89 3.45 -5.84
N TYR A 206 -7.14 2.14 -5.89
CA TYR A 206 -6.24 1.12 -5.35
C TYR A 206 -6.03 0.03 -6.36
N THR A 207 -4.80 -0.46 -6.45
CA THR A 207 -4.52 -1.61 -7.29
C THR A 207 -5.25 -2.84 -6.78
N LYS A 208 -5.93 -3.57 -7.68
CA LYS A 208 -6.76 -4.72 -7.32
C LYS A 208 -5.92 -5.99 -7.24
N VAL A 209 -5.34 -6.20 -6.06
CA VAL A 209 -4.31 -7.23 -5.85
C VAL A 209 -4.82 -8.62 -6.20
N CYS A 210 -6.11 -8.89 -6.04
CA CYS A 210 -6.58 -10.25 -6.31
C CYS A 210 -6.29 -10.65 -7.76
N ASN A 211 -6.22 -9.69 -8.70
CA ASN A 211 -5.92 -10.00 -10.08
C ASN A 211 -4.49 -10.47 -10.31
N TYR A 212 -3.61 -10.23 -9.32
CA TYR A 212 -2.17 -10.42 -9.47
C TYR A 212 -1.61 -11.58 -8.66
N VAL A 213 -2.44 -12.31 -7.94
CA VAL A 213 -1.91 -13.34 -7.04
C VAL A 213 -1.12 -14.42 -7.80
N SER A 214 -1.61 -14.85 -8.94
N SER A 214 -1.63 -14.87 -8.94
CA SER A 214 -0.89 -15.85 -9.72
CA SER A 214 -0.89 -15.86 -9.72
C SER A 214 0.48 -15.33 -10.16
C SER A 214 0.49 -15.33 -10.15
N TRP A 215 0.52 -14.09 -10.66
CA TRP A 215 1.78 -13.46 -11.02
C TRP A 215 2.72 -13.32 -9.82
N ILE A 216 2.20 -12.90 -8.68
CA ILE A 216 3.06 -12.75 -7.52
C ILE A 216 3.65 -14.10 -7.10
N LYS A 217 2.79 -15.12 -7.01
CA LYS A 217 3.28 -16.41 -6.57
C LYS A 217 4.29 -17.01 -7.53
N GLN A 218 4.05 -16.91 -8.84
CA GLN A 218 4.98 -17.50 -9.78
C GLN A 218 6.29 -16.70 -9.83
N THR A 219 6.19 -15.38 -9.69
CA THR A 219 7.38 -14.56 -9.69
C THR A 219 8.27 -14.86 -8.49
N ILE A 220 7.68 -14.98 -7.31
CA ILE A 220 8.46 -15.29 -6.11
C ILE A 220 9.07 -16.68 -6.25
N ALA A 221 8.33 -17.64 -6.79
CA ALA A 221 8.87 -19.00 -6.87
C ALA A 221 10.05 -19.11 -7.84
N SER A 222 10.12 -18.21 -8.82
CA SER A 222 11.14 -18.27 -9.85
C SER A 222 12.28 -17.29 -9.60
N ASN A 223 12.26 -16.58 -8.47
CA ASN A 223 13.26 -15.56 -8.19
C ASN A 223 13.78 -15.59 -6.77
CA CA B . 11.81 3.99 13.91
C1 BZY C . -1.82 9.11 -4.13
C2 BZY C . -0.39 9.00 -4.61
N3 BZY C . -0.35 8.66 -6.03
C4 BZY C . -0.07 9.60 -6.96
C5 BZY C . -0.09 9.13 -8.40
N6 BZY C . -0.68 10.12 -9.30
C7 BZY C . -1.93 10.54 -9.09
C8 BZY C . -2.46 11.49 -10.12
C9 BZY C . -3.27 10.72 -11.18
C10 BZY C . -2.43 9.71 -12.02
N11 BZY C . -3.28 12.58 -9.53
O12 BZY C . -2.59 10.16 -8.14
C13 BZY C . 1.35 8.83 -8.84
O14 BZY C . 0.23 10.74 -6.69
C15 BZY C . -2.23 8.36 -3.02
C16 BZY C . -3.55 8.44 -2.57
C17 BZY C . -4.44 9.30 -3.22
C18 BZY C . -5.85 9.36 -2.72
N19 BZY C . -6.54 10.43 -2.83
N20 BZY C . -6.39 8.25 -2.19
C21 BZY C . -4.03 10.06 -4.30
C22 BZY C . -2.72 9.97 -4.77
C23 BZY C . -3.27 9.12 -13.14
C24 BZY C . -3.25 9.72 -14.41
C25 BZY C . -4.06 9.22 -15.44
C26 BZY C . -4.84 8.08 -15.21
O27 BZY C . -5.62 7.58 -16.24
C28 BZY C . -4.85 7.45 -13.95
C29 BZY C . -4.06 8.00 -12.93
N1 IMD D . 7.41 11.85 7.84
C2 IMD D . 8.56 12.13 7.37
N3 IMD D . 8.66 11.74 6.09
C4 IMD D . 7.43 11.21 5.79
C5 IMD D . 6.57 11.21 6.85
#